data_6OUC
#
_entry.id   6OUC
#
_cell.length_a   1.00
_cell.length_b   1.00
_cell.length_c   1.00
_cell.angle_alpha   90.00
_cell.angle_beta   90.00
_cell.angle_gamma   90.00
#
_symmetry.space_group_name_H-M   'P 1'
#
loop_
_entity.id
_entity.type
_entity.pdbx_description
1 polymer 'Viral protein 1'
2 non-polymer 'ZINC ION'
3 water water
#
_entity_poly.entity_id   1
_entity_poly.type   'polypeptide(L)'
_entity_poly.pdbx_seq_one_letter_code
;MKMASNDAAPSTDGAAGLVPESNNEVMALEPVAGAALAAPVTGQTNIIDPWIRANFVQAPNGEFTVSPRNAPGEVLLNLE
LGPELNPYLAHLARMYNGYAGGMEVQVMLAGNAFTAGKLVFAAVPPHFPVENLSPQQITMFPHVIIDVRTLEPVLLPLPD
VRNNFFHYNQKDDPKMRIVAMLYTPLRSNGSGDDVFTVSCRVLTRPSPDFDFTYLVPPTVESKTKPFTLPILTLGELSNS
RFPVSIDQMYTSPNEVISVQCQNGRCTLDGELQGTTQLQVSGICAFKGEVTAHLQDNDHLYNITITNLNGSPFDPSEDIP
APLGVPDFQGRVFGVITQRDKQNAAGQSQPANRGHDAVVPTYTAQYTPKLGQVQIGTWQTDDLKVNQPVKFTPVGLNDTE
HFNQWVVPRYAGALNLNTNLAPSVAPVFPGERLLFFRSYLPLKGGYGNPAIDCLLPQEWVQHFYQEAAPSMSEVALVRYI
NPDTGRALFEAKLHRAGFMTVSSNTSAPVVVPANGYFRFDSWVNQFYSLAPMGTGNGRRRIQ
;
_entity_poly.pdbx_strand_id   A
#
loop_
_chem_comp.id
_chem_comp.type
_chem_comp.name
_chem_comp.formula
ZN non-polymer 'ZINC ION' 'Zn 2'
#
# COMPACT_ATOMS: atom_id res chain seq x y z
N ILE A 47 17.12 21.55 -25.79
CA ILE A 47 16.25 20.42 -26.02
C ILE A 47 14.83 20.68 -25.53
N ILE A 48 14.70 21.36 -24.39
CA ILE A 48 13.41 21.56 -23.77
C ILE A 48 12.58 22.55 -24.60
N ASP A 49 11.32 22.18 -24.83
CA ASP A 49 10.38 22.99 -25.61
C ASP A 49 10.21 24.35 -24.96
N PRO A 50 10.29 25.45 -25.72
CA PRO A 50 10.11 26.79 -25.12
C PRO A 50 8.72 27.08 -24.57
N TRP A 51 7.72 26.22 -24.75
CA TRP A 51 6.50 26.39 -23.96
C TRP A 51 6.75 26.02 -22.51
N ILE A 52 7.51 24.94 -22.30
CA ILE A 52 7.78 24.41 -20.97
C ILE A 52 8.57 25.39 -20.13
N ARG A 53 9.51 26.12 -20.74
CA ARG A 53 10.33 27.06 -20.00
C ARG A 53 9.60 28.33 -19.62
N ALA A 54 8.42 28.59 -20.19
CA ALA A 54 7.74 29.85 -19.95
C ALA A 54 6.55 29.75 -19.01
N ASN A 55 6.01 28.56 -18.80
CA ASN A 55 4.74 28.41 -18.10
C ASN A 55 4.87 27.46 -16.90
N PHE A 56 4.06 27.73 -15.88
CA PHE A 56 4.08 26.94 -14.64
C PHE A 56 3.04 25.83 -14.71
N VAL A 57 3.46 24.63 -14.28
CA VAL A 57 2.62 23.44 -14.32
C VAL A 57 2.63 22.84 -12.92
N GLN A 58 1.47 22.36 -12.46
CA GLN A 58 1.33 21.84 -11.11
C GLN A 58 2.22 20.63 -10.86
N ALA A 59 2.94 20.67 -9.75
CA ALA A 59 3.85 19.60 -9.38
C ALA A 59 3.09 18.34 -9.01
N PRO A 60 3.70 17.17 -9.17
CA PRO A 60 3.13 15.95 -8.57
C PRO A 60 3.20 15.94 -7.06
N ASN A 61 4.06 16.70 -6.44
CA ASN A 61 4.12 16.79 -4.99
C ASN A 61 3.48 18.11 -4.53
N GLY A 62 2.63 18.66 -5.39
CA GLY A 62 2.01 19.96 -5.17
C GLY A 62 1.05 20.42 -4.09
N GLU A 63 0.04 19.62 -3.74
CA GLU A 63 -0.96 20.08 -2.78
C GLU A 63 -0.66 20.03 -1.27
N PHE A 64 -0.95 21.11 -0.54
CA PHE A 64 -0.82 21.05 0.91
C PHE A 64 -1.83 21.98 1.56
N THR A 65 -1.94 21.86 2.88
CA THR A 65 -2.94 22.56 3.66
C THR A 65 -2.28 23.35 4.77
N VAL A 66 -2.97 24.39 5.23
CA VAL A 66 -2.56 25.07 6.45
C VAL A 66 -3.79 25.50 7.23
N SER A 67 -3.84 25.13 8.50
CA SER A 67 -4.97 25.38 9.38
C SER A 67 -4.45 26.07 10.63
N PRO A 68 -5.31 26.69 11.46
CA PRO A 68 -4.83 27.21 12.74
C PRO A 68 -4.57 26.15 13.80
N ARG A 69 -4.75 24.87 13.47
CA ARG A 69 -4.25 23.79 14.29
C ARG A 69 -2.75 23.55 14.10
N ASN A 70 -2.15 24.17 13.09
CA ASN A 70 -0.71 24.10 12.90
C ASN A 70 -0.02 25.21 13.68
N ALA A 71 1.22 24.96 14.07
CA ALA A 71 1.96 25.88 14.90
C ALA A 71 3.17 26.40 14.13
N PRO A 72 3.67 27.58 14.52
CA PRO A 72 4.87 28.01 13.81
C PRO A 72 6.01 27.16 14.35
N GLY A 73 6.72 26.52 13.45
CA GLY A 73 7.85 25.67 13.79
C GLY A 73 7.75 24.28 13.19
N GLU A 74 6.59 23.96 12.64
CA GLU A 74 6.34 22.69 11.98
C GLU A 74 6.59 22.86 10.49
N VAL A 75 7.35 21.95 9.91
CA VAL A 75 7.62 22.01 8.47
C VAL A 75 6.38 21.53 7.72
N LEU A 76 5.77 22.44 6.96
CA LEU A 76 4.57 22.13 6.20
C LEU A 76 4.87 21.60 4.81
N LEU A 77 6.11 21.73 4.35
CA LEU A 77 6.47 21.40 2.99
C LEU A 77 7.97 21.21 2.94
N ASN A 78 8.42 20.09 2.37
CA ASN A 78 9.84 19.81 2.27
C ASN A 78 10.02 19.04 0.96
N LEU A 79 10.43 19.74 -0.09
CA LEU A 79 10.58 19.10 -1.39
C LEU A 79 12.03 19.21 -1.86
N GLU A 80 12.40 18.32 -2.76
CA GLU A 80 13.77 18.20 -3.23
C GLU A 80 13.84 18.52 -4.72
N LEU A 81 14.94 19.14 -5.12
CA LEU A 81 15.15 19.51 -6.51
C LEU A 81 15.31 18.28 -7.40
N GLY A 82 14.83 18.39 -8.63
CA GLY A 82 14.91 17.31 -9.58
C GLY A 82 13.78 17.42 -10.57
N PRO A 83 13.81 16.60 -11.61
CA PRO A 83 12.76 16.66 -12.64
C PRO A 83 11.37 16.26 -12.13
N GLU A 84 11.29 15.50 -11.04
CA GLU A 84 10.01 14.97 -10.60
C GLU A 84 9.03 16.07 -10.20
N LEU A 85 9.46 17.31 -10.25
CA LEU A 85 8.62 18.46 -9.91
C LEU A 85 7.83 18.97 -11.09
N ASN A 86 7.88 18.30 -12.24
CA ASN A 86 7.30 18.80 -13.47
C ASN A 86 6.99 17.57 -14.31
N PRO A 87 5.74 17.36 -14.72
CA PRO A 87 5.39 16.13 -15.46
C PRO A 87 5.98 16.06 -16.86
N TYR A 88 6.19 17.20 -17.52
CA TYR A 88 6.88 17.16 -18.81
C TYR A 88 8.34 16.77 -18.65
N LEU A 89 8.99 17.31 -17.62
CA LEU A 89 10.37 16.91 -17.36
C LEU A 89 10.44 15.48 -16.85
N ALA A 90 9.43 15.03 -16.13
CA ALA A 90 9.36 13.64 -15.71
C ALA A 90 9.12 12.69 -16.87
N HIS A 91 8.51 13.16 -17.97
CA HIS A 91 8.41 12.34 -19.16
C HIS A 91 9.73 12.31 -19.91
N LEU A 92 10.38 13.47 -20.03
CA LEU A 92 11.66 13.54 -20.72
C LEU A 92 12.82 12.89 -19.96
N ALA A 93 12.68 12.72 -18.65
CA ALA A 93 13.75 12.12 -17.86
C ALA A 93 13.88 10.63 -18.10
N ARG A 94 12.84 9.99 -18.63
CA ARG A 94 12.87 8.56 -18.87
C ARG A 94 13.59 8.20 -20.16
N MET A 95 14.09 9.19 -20.89
CA MET A 95 14.75 9.00 -22.15
C MET A 95 16.23 9.37 -22.08
N TYR A 96 16.67 10.00 -20.99
CA TYR A 96 18.05 10.42 -20.78
C TYR A 96 18.66 9.71 -19.58
N ASN A 97 19.97 9.92 -19.41
CA ASN A 97 20.75 9.31 -18.35
C ASN A 97 20.99 10.24 -17.17
N GLY A 98 21.24 11.53 -17.42
CA GLY A 98 21.53 12.43 -16.33
C GLY A 98 20.92 13.80 -16.54
N TYR A 99 21.11 14.69 -15.56
CA TYR A 99 20.51 16.01 -15.57
C TYR A 99 21.29 16.94 -14.66
N ALA A 100 21.15 18.24 -14.93
CA ALA A 100 21.69 19.29 -14.10
C ALA A 100 20.86 20.55 -14.29
N GLY A 101 20.67 21.31 -13.22
CA GLY A 101 20.00 22.59 -13.33
C GLY A 101 18.96 22.87 -12.28
N GLY A 102 18.65 24.15 -12.04
CA GLY A 102 17.70 24.57 -11.04
C GLY A 102 16.32 24.81 -11.61
N MET A 103 15.39 25.17 -10.73
CA MET A 103 13.99 25.34 -11.14
C MET A 103 13.40 26.60 -10.50
N GLU A 104 12.12 26.83 -10.79
CA GLU A 104 11.40 28.02 -10.38
C GLU A 104 10.03 27.63 -9.86
N VAL A 105 9.71 28.03 -8.63
CA VAL A 105 8.54 27.52 -7.91
C VAL A 105 7.56 28.65 -7.66
N GLN A 106 6.29 28.42 -8.00
CA GLN A 106 5.18 29.33 -7.74
C GLN A 106 4.27 28.67 -6.72
N VAL A 107 3.80 29.45 -5.75
CA VAL A 107 2.92 28.94 -4.71
C VAL A 107 1.66 29.77 -4.69
N MET A 108 0.51 29.11 -4.75
CA MET A 108 -0.79 29.75 -4.60
C MET A 108 -1.43 29.35 -3.29
N LEU A 109 -1.96 30.36 -2.60
CA LEU A 109 -2.64 30.23 -1.32
C LEU A 109 -4.10 30.58 -1.54
N ALA A 110 -5.03 29.91 -0.85
CA ALA A 110 -6.45 30.23 -1.03
C ALA A 110 -7.12 30.54 0.30
N GLY A 111 -7.02 31.79 0.74
CA GLY A 111 -7.68 32.22 1.96
C GLY A 111 -8.45 33.51 1.73
N ASN A 112 -9.32 33.82 2.68
CA ASN A 112 -10.17 34.99 2.58
C ASN A 112 -9.57 36.16 3.36
N ALA A 113 -10.36 37.22 3.52
CA ALA A 113 -9.91 38.42 4.22
C ALA A 113 -10.18 38.37 5.72
N PHE A 114 -10.51 37.19 6.25
CA PHE A 114 -10.82 37.04 7.66
C PHE A 114 -9.73 36.27 8.39
N THR A 115 -8.66 35.92 7.70
CA THR A 115 -7.52 35.22 8.27
C THR A 115 -6.34 36.16 8.44
N ALA A 116 -5.38 35.74 9.24
CA ALA A 116 -4.22 36.57 9.54
C ALA A 116 -3.03 35.66 9.81
N GLY A 117 -1.86 36.08 9.34
CA GLY A 117 -0.65 35.32 9.58
C GLY A 117 0.31 35.46 8.42
N LYS A 118 1.51 34.95 8.62
CA LYS A 118 2.59 35.02 7.66
C LYS A 118 3.19 33.63 7.51
N LEU A 119 3.44 33.25 6.26
CA LEU A 119 4.23 32.08 5.90
C LEU A 119 5.60 32.51 5.38
N VAL A 120 6.55 31.58 5.44
CA VAL A 120 7.90 31.80 4.92
C VAL A 120 8.33 30.59 4.11
N PHE A 121 8.96 30.84 2.97
CA PHE A 121 9.45 29.82 2.05
C PHE A 121 10.94 30.07 1.84
N ALA A 122 11.77 29.05 2.05
CA ALA A 122 13.20 29.27 1.96
C ALA A 122 13.88 28.12 1.22
N ALA A 123 15.07 28.40 0.71
CA ALA A 123 15.91 27.41 0.05
C ALA A 123 17.05 26.99 0.98
N VAL A 124 17.23 25.70 1.15
CA VAL A 124 18.14 25.14 2.14
C VAL A 124 19.16 24.28 1.41
N PRO A 125 20.47 24.53 1.58
CA PRO A 125 21.48 23.88 0.74
C PRO A 125 21.71 22.43 1.13
N PRO A 126 22.39 21.64 0.28
CA PRO A 126 22.71 20.26 0.67
C PRO A 126 23.63 20.17 1.87
N HIS A 127 23.53 19.04 2.55
CA HIS A 127 24.33 18.68 3.73
C HIS A 127 24.19 19.69 4.88
N PHE A 128 23.01 20.26 5.03
CA PHE A 128 22.69 21.09 6.17
C PHE A 128 21.53 20.45 6.91
N PRO A 129 21.59 20.32 8.24
CA PRO A 129 20.50 19.68 8.96
C PRO A 129 19.26 20.55 9.03
N VAL A 130 18.10 19.92 8.88
CA VAL A 130 16.84 20.62 8.72
C VAL A 130 15.89 20.39 9.89
N GLU A 131 16.27 19.54 10.84
CA GLU A 131 15.29 19.07 11.82
C GLU A 131 15.03 20.09 12.93
N ASN A 132 16.03 20.87 13.33
CA ASN A 132 15.85 21.82 14.41
C ASN A 132 15.80 23.27 13.94
N LEU A 133 15.27 23.52 12.75
CA LEU A 133 15.08 24.89 12.30
C LEU A 133 13.97 25.58 13.06
N SER A 134 14.26 26.76 13.58
CA SER A 134 13.33 27.70 14.18
C SER A 134 12.90 28.71 13.13
N PRO A 135 11.81 29.46 13.37
CA PRO A 135 11.45 30.52 12.40
C PRO A 135 12.42 31.68 12.35
N GLN A 136 13.28 31.84 13.35
CA GLN A 136 14.29 32.89 13.28
C GLN A 136 15.41 32.50 12.33
N GLN A 137 15.77 31.20 12.30
CA GLN A 137 16.88 30.74 11.49
C GLN A 137 16.54 30.69 10.01
N ILE A 138 15.29 30.44 9.66
CA ILE A 138 14.90 30.26 8.27
C ILE A 138 14.98 31.56 7.48
N THR A 139 15.04 32.70 8.15
CA THR A 139 15.23 34.01 7.55
C THR A 139 16.70 34.25 7.19
N MET A 140 17.62 33.43 7.69
CA MET A 140 19.01 33.52 7.29
C MET A 140 19.33 32.69 6.05
N PHE A 141 18.32 32.28 5.30
CA PHE A 141 18.45 31.64 4.01
C PHE A 141 17.83 32.52 2.94
N PRO A 142 18.06 32.23 1.66
CA PRO A 142 17.26 32.87 0.60
C PRO A 142 15.79 32.49 0.71
N HIS A 143 14.97 33.47 1.04
CA HIS A 143 13.61 33.22 1.50
C HIS A 143 12.67 34.27 0.92
N VAL A 144 11.39 34.02 1.14
CA VAL A 144 10.30 34.94 0.81
C VAL A 144 9.24 34.80 1.89
N ILE A 145 8.64 35.92 2.29
CA ILE A 145 7.65 35.96 3.37
C ILE A 145 6.37 36.54 2.80
N ILE A 146 5.25 35.83 2.99
CA ILE A 146 4.00 36.25 2.40
C ILE A 146 2.88 36.21 3.44
N ASP A 147 1.96 37.16 3.35
CA ASP A 147 0.71 37.19 4.09
C ASP A 147 -0.28 36.22 3.47
N VAL A 148 -1.23 35.75 4.28
CA VAL A 148 -2.23 34.80 3.81
C VAL A 148 -3.45 35.46 3.18
N ARG A 149 -3.57 36.77 3.29
CA ARG A 149 -4.70 37.51 2.74
C ARG A 149 -4.50 37.88 1.28
N THR A 150 -3.38 37.49 0.67
CA THR A 150 -3.05 37.97 -0.66
C THR A 150 -3.84 37.24 -1.74
N LEU A 151 -4.01 37.89 -2.89
CA LEU A 151 -4.66 37.31 -4.05
C LEU A 151 -3.66 36.95 -5.15
N GLU A 152 -2.38 37.18 -4.92
CA GLU A 152 -1.32 36.98 -5.90
C GLU A 152 -0.38 35.87 -5.44
N PRO A 153 0.13 35.06 -6.36
CA PRO A 153 1.02 33.95 -5.99
C PRO A 153 2.44 34.42 -5.69
N VAL A 154 3.21 33.48 -5.15
CA VAL A 154 4.54 33.73 -4.59
C VAL A 154 5.56 33.02 -5.47
N LEU A 155 6.71 33.65 -5.71
CA LEU A 155 7.74 33.09 -6.56
C LEU A 155 9.04 32.92 -5.80
N LEU A 156 9.68 31.77 -5.99
CA LEU A 156 11.00 31.54 -5.41
C LEU A 156 11.86 30.70 -6.36
N PRO A 157 13.05 31.17 -6.71
CA PRO A 157 13.96 30.33 -7.48
C PRO A 157 14.67 29.32 -6.59
N LEU A 158 14.97 28.16 -7.16
CA LEU A 158 15.57 27.05 -6.43
C LEU A 158 16.81 26.64 -7.19
N PRO A 159 17.99 27.11 -6.80
CA PRO A 159 19.20 26.87 -7.59
C PRO A 159 19.68 25.44 -7.49
N ASP A 160 20.66 25.13 -8.31
CA ASP A 160 21.29 23.80 -8.29
C ASP A 160 22.72 24.01 -7.83
N VAL A 161 22.93 23.99 -6.52
CA VAL A 161 24.26 24.04 -5.95
C VAL A 161 24.77 22.61 -5.83
N ARG A 162 25.90 22.33 -6.47
CA ARG A 162 26.48 21.01 -6.53
C ARG A 162 27.98 21.17 -6.74
N ASN A 163 28.73 20.12 -6.46
CA ASN A 163 30.17 20.14 -6.70
C ASN A 163 30.60 19.17 -7.80
N ASN A 164 29.74 18.97 -8.79
CA ASN A 164 30.03 18.09 -9.91
C ASN A 164 29.31 18.62 -11.14
N PHE A 165 29.50 17.96 -12.27
CA PHE A 165 28.99 18.49 -13.53
C PHE A 165 27.51 18.19 -13.74
N PHE A 166 27.04 17.02 -13.30
CA PHE A 166 25.63 16.66 -13.42
C PHE A 166 25.32 15.58 -12.39
N HIS A 167 24.05 15.17 -12.36
CA HIS A 167 23.57 14.11 -11.47
C HIS A 167 23.16 12.92 -12.31
N TYR A 168 23.30 11.73 -11.74
CA TYR A 168 22.84 10.50 -12.38
C TYR A 168 21.48 10.11 -11.85
N ASN A 169 20.67 9.47 -12.71
CA ASN A 169 19.33 9.05 -12.31
C ASN A 169 19.41 7.90 -11.31
N GLN A 170 20.25 6.94 -11.62
CA GLN A 170 20.62 5.99 -10.62
C GLN A 170 21.67 6.74 -9.75
N LYS A 171 22.22 6.04 -8.75
CA LYS A 171 23.23 6.60 -7.83
C LYS A 171 22.81 7.94 -7.20
N ASP A 172 21.72 7.96 -6.43
CA ASP A 172 21.23 9.25 -5.96
C ASP A 172 22.24 9.91 -5.02
N ASP A 173 22.12 11.23 -4.90
CA ASP A 173 22.95 12.05 -4.03
C ASP A 173 22.10 13.16 -3.45
N PRO A 174 22.53 13.79 -2.34
CA PRO A 174 21.74 14.90 -1.78
C PRO A 174 21.69 16.11 -2.71
N LYS A 175 20.56 16.83 -2.63
CA LYS A 175 20.31 17.97 -3.49
C LYS A 175 19.65 19.08 -2.68
N MET A 176 19.44 20.21 -3.36
CA MET A 176 18.78 21.38 -2.79
C MET A 176 17.33 21.05 -2.43
N ARG A 177 16.83 21.70 -1.38
CA ARG A 177 15.46 21.51 -0.92
C ARG A 177 14.76 22.85 -0.78
N ILE A 178 13.43 22.80 -0.77
CA ILE A 178 12.58 23.93 -0.41
C ILE A 178 11.75 23.54 0.81
N VAL A 179 11.73 24.44 1.78
CA VAL A 179 11.13 24.23 3.10
C VAL A 179 10.13 25.33 3.35
N ALA A 180 8.96 24.97 3.88
CA ALA A 180 7.95 25.94 4.27
C ALA A 180 7.48 25.68 5.67
N MET A 181 7.52 26.70 6.52
CA MET A 181 6.87 26.65 7.81
C MET A 181 6.11 27.95 8.04
N LEU A 182 5.20 27.90 8.99
CA LEU A 182 4.36 29.04 9.32
C LEU A 182 5.19 30.02 10.14
N TYR A 183 5.17 31.29 9.75
CA TYR A 183 6.08 32.27 10.33
C TYR A 183 5.46 33.05 11.48
N THR A 184 4.19 33.41 11.39
CA THR A 184 3.45 33.96 12.51
C THR A 184 2.20 33.12 12.72
N PRO A 185 1.64 33.08 13.94
CA PRO A 185 0.46 32.25 14.17
C PRO A 185 -0.77 32.64 13.37
N LEU A 186 -1.51 31.63 12.95
CA LEU A 186 -2.63 31.79 12.03
C LEU A 186 -3.93 31.95 12.80
N ARG A 187 -4.61 33.08 12.60
CA ARG A 187 -5.85 33.39 13.28
C ARG A 187 -6.96 33.54 12.23
N SER A 188 -7.84 32.54 12.18
CA SER A 188 -9.05 32.63 11.35
C SER A 188 -10.20 32.95 12.30
N ASN A 189 -10.36 34.24 12.58
CA ASN A 189 -11.28 34.67 13.64
C ASN A 189 -12.73 34.54 13.20
N GLY A 190 -13.12 35.28 12.17
CA GLY A 190 -14.50 35.26 11.71
C GLY A 190 -14.65 35.40 10.22
N VAL A 195 -11.18 27.10 12.34
CA VAL A 195 -12.02 26.07 11.75
C VAL A 195 -11.80 26.08 10.23
N PHE A 196 -11.20 27.16 9.74
CA PHE A 196 -11.05 27.41 8.31
C PHE A 196 -9.69 26.89 7.85
N THR A 197 -9.69 25.83 7.06
CA THR A 197 -8.49 25.23 6.51
C THR A 197 -8.21 25.84 5.13
N VAL A 198 -6.98 26.28 4.92
CA VAL A 198 -6.57 26.97 3.72
C VAL A 198 -5.86 25.98 2.80
N SER A 199 -6.25 25.96 1.52
CA SER A 199 -5.70 25.05 0.53
C SER A 199 -4.62 25.75 -0.31
N CYS A 200 -3.58 25.00 -0.67
CA CYS A 200 -2.38 25.57 -1.25
C CYS A 200 -1.85 24.65 -2.34
N ARG A 201 -1.37 25.24 -3.44
CA ARG A 201 -0.78 24.47 -4.52
C ARG A 201 0.60 25.00 -4.91
N VAL A 202 1.43 24.07 -5.39
CA VAL A 202 2.81 24.30 -5.79
C VAL A 202 2.93 24.00 -7.29
N LEU A 203 3.51 24.92 -8.04
CA LEU A 203 3.74 24.79 -9.47
C LEU A 203 5.21 25.04 -9.73
N THR A 204 5.78 24.37 -10.73
CA THR A 204 7.19 24.55 -11.06
C THR A 204 7.37 24.79 -12.55
N ARG A 205 8.55 25.32 -12.90
CA ARG A 205 9.01 25.32 -14.29
C ARG A 205 10.53 25.33 -14.28
N PRO A 206 11.18 24.86 -15.35
CA PRO A 206 12.64 24.89 -15.37
C PRO A 206 13.21 26.27 -15.59
N SER A 207 14.41 26.46 -15.05
CA SER A 207 15.29 27.61 -15.19
C SER A 207 16.03 27.53 -16.52
N PRO A 208 16.63 28.63 -17.00
CA PRO A 208 17.33 28.57 -18.29
C PRO A 208 18.59 27.73 -18.33
N ASP A 209 19.06 27.18 -17.21
CA ASP A 209 20.25 26.35 -17.22
C ASP A 209 19.98 24.88 -17.00
N PHE A 210 18.72 24.45 -17.06
CA PHE A 210 18.40 23.04 -16.85
C PHE A 210 18.60 22.22 -18.12
N ASP A 211 19.37 21.15 -18.02
CA ASP A 211 19.62 20.32 -19.19
C ASP A 211 19.85 18.86 -18.84
N PHE A 212 19.57 18.00 -19.82
CA PHE A 212 19.67 16.54 -19.78
C PHE A 212 20.93 16.17 -20.55
N THR A 213 21.60 15.11 -20.10
CA THR A 213 22.90 14.70 -20.63
C THR A 213 23.12 13.56 -21.64
N TYR A 214 22.62 12.36 -21.42
CA TYR A 214 22.93 11.31 -22.41
C TYR A 214 21.74 10.49 -22.76
N LEU A 215 21.56 10.18 -24.03
CA LEU A 215 20.41 9.37 -24.42
C LEU A 215 20.60 7.89 -24.11
N VAL A 216 19.66 7.32 -23.37
CA VAL A 216 19.58 5.89 -23.06
C VAL A 216 18.30 5.36 -23.72
N PRO A 217 18.08 4.05 -23.83
CA PRO A 217 16.78 3.56 -24.33
C PRO A 217 15.62 3.95 -23.43
N PRO A 218 14.48 4.30 -24.01
CA PRO A 218 13.38 4.84 -23.21
C PRO A 218 12.71 3.79 -22.34
N THR A 219 12.38 4.20 -21.12
CA THR A 219 11.64 3.46 -20.09
C THR A 219 12.31 2.17 -19.65
N VAL A 220 13.59 1.97 -19.95
CA VAL A 220 14.30 0.80 -19.46
C VAL A 220 14.94 1.07 -18.11
N GLU A 221 15.68 2.16 -18.02
CA GLU A 221 16.36 2.56 -16.80
C GLU A 221 15.34 2.94 -15.74
N SER A 222 15.40 2.30 -14.58
CA SER A 222 14.44 2.54 -13.52
C SER A 222 14.78 3.85 -12.80
N LYS A 223 14.06 4.15 -11.74
CA LYS A 223 14.34 5.38 -10.99
C LYS A 223 13.74 6.61 -11.67
N THR A 224 13.07 6.39 -12.80
CA THR A 224 12.42 7.47 -13.53
C THR A 224 10.96 7.17 -13.78
N LYS A 225 10.49 6.03 -13.30
CA LYS A 225 9.12 5.60 -13.51
C LYS A 225 8.13 6.28 -12.58
N PRO A 226 7.02 6.80 -13.14
CA PRO A 226 6.02 7.42 -12.28
C PRO A 226 5.04 6.42 -11.69
N PHE A 227 4.54 6.74 -10.50
CA PHE A 227 3.58 5.89 -9.81
C PHE A 227 2.22 6.05 -10.45
N THR A 228 1.65 4.95 -10.93
CA THR A 228 0.31 4.93 -11.48
C THR A 228 -0.54 3.91 -10.72
N LEU A 229 -1.85 4.13 -10.75
CA LEU A 229 -2.80 3.30 -10.07
C LEU A 229 -3.78 2.76 -11.10
N PRO A 230 -4.07 1.46 -11.12
CA PRO A 230 -4.83 0.90 -12.25
C PRO A 230 -6.31 1.24 -12.18
N ILE A 231 -6.92 1.34 -13.36
CA ILE A 231 -8.29 1.84 -13.48
C ILE A 231 -9.20 0.62 -13.51
N LEU A 232 -9.65 0.19 -12.34
CA LEU A 232 -10.51 -0.97 -12.20
C LEU A 232 -11.59 -0.65 -11.19
N THR A 233 -12.79 -1.11 -11.45
CA THR A 233 -13.91 -0.87 -10.55
C THR A 233 -14.03 -2.02 -9.56
N LEU A 234 -14.91 -1.84 -8.56
CA LEU A 234 -15.09 -2.87 -7.54
C LEU A 234 -15.75 -4.14 -8.06
N GLY A 235 -16.40 -4.08 -9.22
CA GLY A 235 -16.88 -5.31 -9.83
C GLY A 235 -15.83 -6.09 -10.56
N GLU A 236 -14.58 -5.62 -10.53
CA GLU A 236 -13.48 -6.23 -11.25
C GLU A 236 -12.30 -6.56 -10.36
N LEU A 237 -12.35 -6.18 -9.09
CA LEU A 237 -11.28 -6.42 -8.14
C LEU A 237 -11.54 -7.72 -7.37
N SER A 238 -10.48 -8.24 -6.74
CA SER A 238 -10.55 -9.50 -6.02
C SER A 238 -9.95 -9.35 -4.63
N ASN A 239 -10.43 -10.18 -3.72
CA ASN A 239 -9.94 -10.18 -2.36
C ASN A 239 -8.56 -10.82 -2.33
N SER A 240 -7.71 -10.30 -1.46
CA SER A 240 -6.33 -10.74 -1.39
C SER A 240 -6.01 -11.60 -0.17
N ARG A 241 -6.95 -11.76 0.76
CA ARG A 241 -6.76 -12.62 1.91
C ARG A 241 -7.62 -13.86 1.86
N PHE A 242 -8.46 -14.02 0.83
CA PHE A 242 -9.23 -15.24 0.63
C PHE A 242 -9.63 -15.26 -0.83
N PRO A 243 -9.60 -16.41 -1.51
CA PRO A 243 -9.86 -16.43 -2.96
C PRO A 243 -11.29 -16.20 -3.40
N VAL A 244 -11.90 -15.07 -3.03
CA VAL A 244 -13.19 -14.65 -3.54
C VAL A 244 -13.05 -13.22 -4.05
N SER A 245 -14.17 -12.64 -4.48
CA SER A 245 -14.17 -11.31 -5.05
C SER A 245 -14.73 -10.29 -4.06
N ILE A 246 -14.36 -9.02 -4.28
CA ILE A 246 -14.68 -7.96 -3.34
C ILE A 246 -16.14 -7.53 -3.47
N ASP A 247 -16.82 -7.43 -2.32
CA ASP A 247 -18.21 -7.01 -2.27
C ASP A 247 -18.38 -5.51 -2.05
N GLN A 248 -17.76 -4.94 -1.01
CA GLN A 248 -17.96 -3.51 -0.78
C GLN A 248 -16.76 -2.94 -0.04
N MET A 249 -16.80 -1.62 0.18
CA MET A 249 -15.80 -0.94 0.97
C MET A 249 -16.38 -0.59 2.33
N TYR A 250 -15.55 -0.62 3.36
CA TYR A 250 -16.07 -0.58 4.71
C TYR A 250 -15.07 0.16 5.58
N THR A 251 -15.55 0.83 6.62
CA THR A 251 -14.67 1.53 7.54
C THR A 251 -14.58 0.80 8.87
N SER A 252 -13.44 0.96 9.53
CA SER A 252 -13.06 0.07 10.62
C SER A 252 -13.89 0.33 11.87
N PRO A 253 -14.07 -0.69 12.72
CA PRO A 253 -14.76 -0.48 13.99
C PRO A 253 -13.94 0.34 14.97
N ASN A 254 -14.57 0.70 16.08
CA ASN A 254 -13.91 1.53 17.08
C ASN A 254 -12.89 0.76 17.90
N GLU A 255 -13.00 -0.56 17.96
CA GLU A 255 -12.05 -1.38 18.69
C GLU A 255 -10.90 -1.87 17.82
N VAL A 256 -10.98 -1.68 16.50
CA VAL A 256 -9.91 -2.07 15.60
C VAL A 256 -9.10 -0.81 15.32
N ILE A 257 -7.94 -0.72 15.97
CA ILE A 257 -7.04 0.42 15.77
C ILE A 257 -5.69 0.03 15.20
N SER A 258 -5.41 -1.27 15.06
CA SER A 258 -4.11 -1.74 14.60
C SER A 258 -4.27 -3.18 14.15
N VAL A 259 -3.92 -3.44 12.89
CA VAL A 259 -4.01 -4.80 12.37
C VAL A 259 -2.63 -5.25 11.92
N GLN A 260 -2.44 -6.56 11.86
CA GLN A 260 -1.21 -7.16 11.36
C GLN A 260 -1.60 -8.44 10.63
N CYS A 261 -1.84 -8.34 9.33
CA CYS A 261 -2.15 -9.50 8.52
C CYS A 261 -0.92 -9.89 7.71
N GLN A 262 -0.91 -11.11 7.21
CA GLN A 262 0.28 -11.63 6.55
C GLN A 262 0.08 -12.02 5.10
N ASN A 263 -1.15 -11.91 4.57
CA ASN A 263 -1.41 -12.01 3.15
C ASN A 263 -1.92 -10.67 2.64
N GLY A 264 -1.59 -10.36 1.40
CA GLY A 264 -1.98 -9.09 0.84
C GLY A 264 -1.20 -7.92 1.37
N ARG A 265 0.05 -8.15 1.77
CA ARG A 265 0.94 -7.10 2.23
C ARG A 265 1.97 -6.85 1.15
N CYS A 266 2.04 -5.61 0.68
CA CYS A 266 2.95 -5.23 -0.40
C CYS A 266 3.11 -3.73 -0.35
N THR A 267 4.35 -3.26 -0.41
CA THR A 267 4.57 -1.82 -0.37
C THR A 267 4.29 -1.20 -1.73
N LEU A 268 4.28 0.13 -1.77
CA LEU A 268 4.00 0.82 -3.03
C LEU A 268 5.17 0.73 -3.99
N ASP A 269 6.37 0.48 -3.47
CA ASP A 269 7.54 0.25 -4.30
C ASP A 269 7.55 -1.14 -4.94
N GLY A 270 6.68 -2.04 -4.50
CA GLY A 270 6.59 -3.35 -5.10
C GLY A 270 7.36 -4.42 -4.37
N GLU A 271 7.32 -4.40 -3.05
CA GLU A 271 8.03 -5.34 -2.20
C GLU A 271 7.03 -6.22 -1.47
N LEU A 272 6.91 -7.48 -1.90
CA LEU A 272 6.02 -8.43 -1.24
C LEU A 272 6.55 -8.82 0.13
N GLN A 273 5.63 -8.92 1.09
CA GLN A 273 5.98 -9.09 2.49
C GLN A 273 5.06 -10.13 3.12
N GLY A 274 5.52 -10.73 4.20
CA GLY A 274 4.75 -11.76 4.86
C GLY A 274 4.73 -13.05 4.06
N THR A 275 3.56 -13.67 3.91
CA THR A 275 3.41 -14.84 3.06
C THR A 275 2.78 -14.49 1.72
N THR A 276 2.91 -13.24 1.28
CA THR A 276 2.20 -12.77 0.10
C THR A 276 2.87 -13.28 -1.17
N GLN A 277 2.10 -13.95 -1.99
CA GLN A 277 2.48 -14.38 -3.32
C GLN A 277 1.55 -13.71 -4.33
N LEU A 278 1.65 -14.11 -5.59
CA LEU A 278 0.98 -13.38 -6.66
C LEU A 278 -0.22 -14.07 -7.28
N GLN A 279 -0.37 -15.38 -7.11
CA GLN A 279 -1.49 -16.07 -7.73
C GLN A 279 -2.72 -16.04 -6.83
N VAL A 280 -3.88 -15.90 -7.46
CA VAL A 280 -5.14 -15.93 -6.72
C VAL A 280 -5.48 -17.35 -6.30
N SER A 281 -5.06 -18.30 -7.11
CA SER A 281 -5.25 -19.72 -6.87
C SER A 281 -4.38 -20.26 -5.75
N GLY A 282 -3.43 -19.48 -5.28
CA GLY A 282 -2.54 -19.86 -4.21
C GLY A 282 -2.88 -19.28 -2.86
N ILE A 283 -3.92 -18.47 -2.75
CA ILE A 283 -4.32 -17.92 -1.46
C ILE A 283 -5.05 -19.00 -0.68
N CYS A 284 -4.62 -19.24 0.57
CA CYS A 284 -5.17 -20.25 1.48
C CYS A 284 -5.11 -21.66 0.90
N ALA A 285 -4.12 -21.94 0.06
CA ALA A 285 -3.99 -23.24 -0.58
C ALA A 285 -2.61 -23.80 -0.28
N PHE A 286 -2.50 -25.13 -0.34
CA PHE A 286 -1.25 -25.82 -0.09
C PHE A 286 -1.32 -27.19 -0.77
N LYS A 287 -0.17 -27.87 -0.74
CA LYS A 287 0.01 -29.14 -1.42
C LYS A 287 1.20 -29.87 -0.82
N GLY A 288 1.18 -31.20 -0.92
CA GLY A 288 2.26 -31.98 -0.35
C GLY A 288 2.01 -33.47 -0.40
N GLU A 289 2.46 -34.22 0.62
CA GLU A 289 2.11 -35.63 0.71
C GLU A 289 1.66 -36.00 2.11
N VAL A 290 0.70 -36.93 2.16
CA VAL A 290 0.27 -37.51 3.42
C VAL A 290 1.36 -38.41 3.96
N THR A 291 1.79 -38.15 5.18
CA THR A 291 2.80 -38.97 5.85
C THR A 291 2.27 -39.76 7.03
N ALA A 292 1.10 -39.42 7.55
CA ALA A 292 0.59 -40.10 8.72
C ALA A 292 -0.93 -40.21 8.67
N HIS A 293 -1.43 -41.10 9.52
CA HIS A 293 -2.85 -41.35 9.68
C HIS A 293 -3.12 -41.52 11.17
N LEU A 294 -4.31 -41.11 11.59
CA LEU A 294 -4.70 -41.22 12.99
C LEU A 294 -6.20 -41.46 13.09
N GLN A 295 -6.62 -42.22 14.09
CA GLN A 295 -8.03 -42.49 14.30
C GLN A 295 -8.41 -41.72 15.55
N ASP A 296 -9.60 -41.17 15.50
CA ASP A 296 -10.16 -40.34 16.55
C ASP A 296 -11.68 -40.44 16.41
N ASN A 297 -12.41 -39.47 16.90
CA ASN A 297 -13.82 -39.50 16.57
C ASN A 297 -13.77 -39.42 15.03
N ASP A 298 -12.88 -38.57 14.52
CA ASP A 298 -12.56 -38.39 13.13
C ASP A 298 -11.28 -39.16 12.74
N HIS A 299 -10.73 -38.71 11.62
CA HIS A 299 -9.60 -39.21 10.85
C HIS A 299 -8.58 -38.09 10.65
N LEU A 300 -7.31 -38.31 10.74
CA LEU A 300 -6.58 -37.07 10.74
C LEU A 300 -5.63 -36.68 9.64
N TYR A 301 -4.98 -37.64 9.03
CA TYR A 301 -4.17 -37.30 7.88
C TYR A 301 -3.13 -36.18 7.92
N ASN A 302 -2.09 -36.32 8.73
CA ASN A 302 -1.02 -35.35 8.76
C ASN A 302 -0.36 -35.28 7.37
N ILE A 303 -0.02 -34.08 6.96
CA ILE A 303 0.47 -33.76 5.62
C ILE A 303 1.75 -32.95 5.74
N THR A 304 2.79 -33.41 5.05
CA THR A 304 4.03 -32.66 4.90
C THR A 304 3.92 -31.82 3.64
N ILE A 305 4.03 -30.51 3.79
CA ILE A 305 3.76 -29.57 2.72
C ILE A 305 5.06 -29.09 2.10
N THR A 306 4.99 -28.73 0.83
CA THR A 306 6.10 -28.19 0.07
C THR A 306 5.72 -26.80 -0.44
N ASN A 307 6.57 -26.23 -1.28
CA ASN A 307 6.22 -24.97 -1.93
C ASN A 307 5.21 -25.22 -3.04
N LEU A 308 4.56 -24.16 -3.47
CA LEU A 308 3.52 -24.29 -4.49
C LEU A 308 4.07 -24.47 -5.89
N ASN A 309 5.37 -24.28 -6.10
CA ASN A 309 5.99 -24.62 -7.38
C ASN A 309 6.48 -26.05 -7.43
N GLY A 310 6.38 -26.81 -6.34
CA GLY A 310 6.82 -28.18 -6.28
C GLY A 310 8.13 -28.39 -5.56
N SER A 311 8.85 -27.33 -5.23
CA SER A 311 10.13 -27.47 -4.56
C SER A 311 9.93 -27.73 -3.07
N PRO A 312 10.84 -28.46 -2.43
CA PRO A 312 10.71 -28.71 -0.99
C PRO A 312 10.93 -27.46 -0.18
N PHE A 313 10.27 -27.40 0.98
CA PHE A 313 10.26 -26.22 1.82
C PHE A 313 11.45 -26.24 2.78
N ASP A 314 12.30 -25.23 2.68
CA ASP A 314 13.42 -25.08 3.59
C ASP A 314 12.98 -24.24 4.78
N PRO A 315 13.01 -24.77 6.01
CA PRO A 315 12.47 -24.02 7.16
C PRO A 315 13.35 -22.85 7.61
N SER A 316 14.55 -22.70 7.08
CA SER A 316 15.46 -21.65 7.53
C SER A 316 15.39 -20.40 6.66
N GLU A 317 14.37 -20.28 5.80
CA GLU A 317 14.23 -19.13 4.93
C GLU A 317 13.58 -17.99 5.71
N ASP A 318 13.85 -16.75 5.28
CA ASP A 318 13.38 -15.55 5.95
C ASP A 318 11.91 -15.24 5.64
N ILE A 319 11.06 -16.23 5.92
CA ILE A 319 9.61 -16.13 5.73
C ILE A 319 8.91 -16.76 6.91
N PRO A 320 7.72 -16.27 7.26
CA PRO A 320 7.05 -16.78 8.46
C PRO A 320 6.51 -18.18 8.32
N ALA A 321 6.31 -18.65 7.11
CA ALA A 321 5.52 -19.83 6.77
C ALA A 321 5.70 -20.01 5.26
N PRO A 322 5.27 -21.13 4.66
CA PRO A 322 5.22 -21.18 3.19
C PRO A 322 4.24 -20.16 2.64
N LEU A 323 4.51 -19.72 1.41
CA LEU A 323 3.79 -18.60 0.84
C LEU A 323 2.37 -19.00 0.48
N GLY A 324 1.39 -18.29 1.02
CA GLY A 324 0.01 -18.50 0.68
C GLY A 324 -0.82 -19.29 1.65
N VAL A 325 -0.30 -19.62 2.82
CA VAL A 325 -1.05 -20.37 3.84
C VAL A 325 -2.03 -19.41 4.51
N PRO A 326 -3.11 -19.89 5.16
CA PRO A 326 -4.06 -18.96 5.79
C PRO A 326 -3.47 -18.20 6.96
N ASP A 327 -3.80 -16.91 7.06
CA ASP A 327 -3.23 -16.03 8.07
C ASP A 327 -4.22 -15.62 9.15
N PHE A 328 -5.24 -16.44 9.40
CA PHE A 328 -6.20 -16.14 10.44
C PHE A 328 -6.56 -17.44 11.16
N GLN A 329 -7.20 -17.29 12.32
CA GLN A 329 -7.62 -18.41 13.14
C GLN A 329 -9.05 -18.80 12.83
N GLY A 330 -9.28 -20.10 12.66
CA GLY A 330 -10.61 -20.58 12.31
C GLY A 330 -10.49 -21.95 11.69
N ARG A 331 -11.61 -22.42 11.18
CA ARG A 331 -11.70 -23.73 10.54
C ARG A 331 -11.96 -23.53 9.06
N VAL A 332 -10.91 -23.63 8.26
CA VAL A 332 -11.02 -23.42 6.83
C VAL A 332 -11.57 -24.69 6.20
N PHE A 333 -12.69 -24.55 5.50
CA PHE A 333 -13.33 -25.64 4.78
C PHE A 333 -12.90 -25.67 3.33
N GLY A 334 -12.69 -26.87 2.80
CA GLY A 334 -12.29 -27.00 1.42
C GLY A 334 -12.33 -28.43 0.94
N VAL A 335 -11.59 -28.68 -0.14
CA VAL A 335 -11.56 -29.98 -0.79
C VAL A 335 -10.11 -30.47 -0.88
N ILE A 336 -9.86 -31.65 -0.36
CA ILE A 336 -8.56 -32.31 -0.47
C ILE A 336 -8.64 -33.29 -1.64
N THR A 337 -7.53 -33.46 -2.36
CA THR A 337 -7.55 -34.36 -3.50
C THR A 337 -6.22 -35.05 -3.72
N GLN A 338 -6.30 -36.30 -4.20
CA GLN A 338 -5.15 -37.14 -4.51
C GLN A 338 -5.21 -37.67 -5.94
N ARG A 339 -4.05 -37.64 -6.59
CA ARG A 339 -3.80 -38.38 -7.82
C ARG A 339 -2.53 -39.18 -7.61
N ASP A 340 -2.61 -40.49 -7.84
CA ASP A 340 -1.51 -41.37 -7.47
C ASP A 340 -0.33 -41.22 -8.44
N LYS A 341 0.82 -41.70 -7.99
CA LYS A 341 2.06 -41.60 -8.75
C LYS A 341 2.42 -42.88 -9.48
N GLN A 342 1.84 -44.01 -9.09
CA GLN A 342 2.00 -45.27 -9.78
C GLN A 342 0.70 -45.62 -10.48
N ASN A 343 0.79 -46.49 -11.49
CA ASN A 343 -0.37 -46.85 -12.31
C ASN A 343 -0.85 -48.24 -11.93
N ALA A 344 -2.01 -48.30 -11.29
CA ALA A 344 -2.81 -49.52 -11.24
C ALA A 344 -3.55 -49.56 -12.56
N ALA A 345 -3.83 -50.77 -13.06
CA ALA A 345 -3.96 -51.13 -14.47
C ALA A 345 -4.75 -50.15 -15.33
N GLY A 346 -6.06 -50.05 -15.07
CA GLY A 346 -6.92 -48.90 -15.40
C GLY A 346 -6.72 -48.21 -16.74
N GLN A 347 -6.30 -48.98 -17.76
CA GLN A 347 -5.97 -48.40 -19.06
C GLN A 347 -4.67 -47.57 -19.01
N SER A 348 -3.77 -47.94 -18.10
CA SER A 348 -2.48 -47.26 -17.92
C SER A 348 -2.65 -45.82 -17.41
N GLN A 349 -3.53 -45.65 -16.44
CA GLN A 349 -3.87 -44.36 -15.87
C GLN A 349 -3.75 -44.44 -14.36
N PRO A 350 -3.58 -43.31 -13.66
CA PRO A 350 -3.61 -43.34 -12.20
C PRO A 350 -5.03 -43.33 -11.64
N ALA A 351 -5.10 -43.44 -10.32
CA ALA A 351 -6.35 -43.42 -9.58
C ALA A 351 -6.49 -42.11 -8.82
N ASN A 352 -7.74 -41.72 -8.56
CA ASN A 352 -8.05 -40.39 -8.06
C ASN A 352 -9.02 -40.44 -6.89
N ARG A 353 -8.83 -39.52 -5.95
CA ARG A 353 -9.75 -39.31 -4.83
C ARG A 353 -9.95 -37.82 -4.64
N GLY A 354 -11.15 -37.44 -4.21
CA GLY A 354 -11.39 -36.07 -3.79
C GLY A 354 -12.51 -35.95 -2.77
N HIS A 355 -12.21 -35.32 -1.63
CA HIS A 355 -13.14 -35.30 -0.51
C HIS A 355 -13.17 -33.94 0.14
N ASP A 356 -14.13 -33.74 1.05
CA ASP A 356 -14.22 -32.52 1.82
C ASP A 356 -13.27 -32.59 3.01
N ALA A 357 -12.77 -31.43 3.43
CA ALA A 357 -11.85 -31.40 4.55
C ALA A 357 -11.97 -30.08 5.30
N VAL A 358 -11.47 -30.11 6.53
CA VAL A 358 -11.37 -28.97 7.42
C VAL A 358 -9.93 -28.84 7.90
N VAL A 359 -9.39 -27.64 7.81
CA VAL A 359 -8.07 -27.32 8.36
C VAL A 359 -8.27 -26.33 9.50
N PRO A 360 -8.12 -26.75 10.75
CA PRO A 360 -8.16 -25.78 11.85
C PRO A 360 -6.80 -25.14 12.10
N THR A 361 -6.78 -23.82 12.17
CA THR A 361 -5.54 -23.06 12.24
C THR A 361 -5.30 -22.43 13.61
N TYR A 362 -6.14 -22.75 14.60
CA TYR A 362 -5.98 -22.23 15.95
C TYR A 362 -5.42 -23.26 16.92
N THR A 363 -5.02 -24.42 16.44
CA THR A 363 -4.66 -25.54 17.29
C THR A 363 -3.15 -25.76 17.28
N ALA A 364 -2.71 -26.75 18.05
CA ALA A 364 -1.30 -27.04 18.21
C ALA A 364 -0.70 -27.82 17.06
N GLN A 365 -1.52 -28.28 16.13
CA GLN A 365 -1.04 -29.11 15.04
C GLN A 365 -1.04 -28.39 13.70
N TYR A 366 -1.41 -27.11 13.68
CA TYR A 366 -1.21 -26.25 12.50
C TYR A 366 0.16 -25.63 12.65
N THR A 367 1.19 -26.32 12.16
CA THR A 367 2.57 -25.85 12.23
C THR A 367 3.20 -25.84 10.85
N PRO A 368 2.79 -24.92 9.97
CA PRO A 368 3.34 -24.93 8.61
C PRO A 368 4.79 -24.49 8.51
N LYS A 369 5.29 -23.74 9.49
CA LYS A 369 6.69 -23.36 9.50
C LYS A 369 7.59 -24.56 9.80
N LEU A 370 7.08 -25.51 10.57
CA LEU A 370 7.80 -26.75 10.83
C LEU A 370 7.59 -27.77 9.74
N GLY A 371 6.69 -27.53 8.80
CA GLY A 371 6.47 -28.41 7.67
C GLY A 371 5.29 -29.35 7.77
N GLN A 372 4.40 -29.15 8.75
CA GLN A 372 3.31 -30.08 9.01
C GLN A 372 1.98 -29.35 8.96
N VAL A 373 0.91 -30.04 8.58
CA VAL A 373 -0.46 -29.52 8.65
C VAL A 373 -1.35 -30.73 8.85
N GLN A 374 -2.46 -30.56 9.53
CA GLN A 374 -3.38 -31.66 9.79
C GLN A 374 -4.77 -31.27 9.34
N ILE A 375 -5.44 -32.19 8.65
CA ILE A 375 -6.75 -31.96 8.05
C ILE A 375 -7.76 -32.81 8.78
N GLY A 376 -9.00 -32.78 8.30
CA GLY A 376 -9.99 -33.66 8.88
C GLY A 376 -11.15 -33.98 7.97
N THR A 377 -11.47 -35.26 7.84
CA THR A 377 -12.63 -35.69 7.09
C THR A 377 -13.70 -36.20 8.04
N TRP A 378 -14.91 -35.73 7.90
CA TRP A 378 -15.89 -36.14 8.85
C TRP A 378 -16.38 -37.50 8.45
N GLN A 379 -15.92 -38.50 9.20
CA GLN A 379 -16.33 -39.89 9.01
C GLN A 379 -16.06 -40.51 7.63
N THR A 380 -14.99 -40.09 6.98
CA THR A 380 -14.58 -40.64 5.70
C THR A 380 -13.10 -41.02 5.78
N ASP A 381 -12.78 -42.23 5.35
CA ASP A 381 -11.42 -42.74 5.41
C ASP A 381 -10.69 -43.02 4.10
N ASP A 382 -11.17 -42.53 2.97
CA ASP A 382 -10.48 -42.82 1.72
C ASP A 382 -9.31 -41.95 1.28
N LEU A 383 -8.22 -41.93 2.03
CA LEU A 383 -7.02 -41.20 1.62
C LEU A 383 -5.82 -42.13 1.74
N LYS A 384 -5.09 -42.35 0.65
CA LYS A 384 -3.93 -43.22 0.69
C LYS A 384 -2.73 -42.47 1.28
N VAL A 385 -2.06 -43.12 2.23
CA VAL A 385 -0.83 -42.59 2.81
C VAL A 385 0.28 -42.70 1.76
N ASN A 386 1.27 -41.82 1.85
CA ASN A 386 2.35 -41.83 0.88
C ASN A 386 1.98 -41.43 -0.54
N GLN A 387 0.97 -40.60 -0.69
CA GLN A 387 0.51 -40.17 -2.00
C GLN A 387 0.30 -38.66 -1.95
N PRO A 388 0.46 -37.96 -3.08
CA PRO A 388 0.38 -36.49 -3.04
C PRO A 388 -1.04 -35.98 -2.90
N VAL A 389 -1.17 -34.85 -2.20
CA VAL A 389 -2.44 -34.17 -1.97
C VAL A 389 -2.34 -32.71 -2.38
N LYS A 390 -3.51 -32.15 -2.68
CA LYS A 390 -3.67 -30.72 -2.91
C LYS A 390 -4.93 -30.27 -2.19
N PHE A 391 -4.90 -29.07 -1.60
CA PHE A 391 -6.05 -28.52 -0.90
C PHE A 391 -6.58 -27.31 -1.65
N THR A 392 -7.89 -27.23 -1.81
CA THR A 392 -8.56 -26.09 -2.45
C THR A 392 -9.54 -25.48 -1.47
N PRO A 393 -9.38 -24.21 -1.09
CA PRO A 393 -10.28 -23.61 -0.09
C PRO A 393 -11.61 -23.19 -0.69
N VAL A 394 -12.65 -23.36 0.12
CA VAL A 394 -14.02 -22.99 -0.24
C VAL A 394 -14.60 -21.91 0.68
N GLY A 395 -14.49 -22.11 1.99
CA GLY A 395 -14.98 -21.16 2.97
C GLY A 395 -14.64 -21.55 4.40
N LEU A 396 -15.57 -21.35 5.31
CA LEU A 396 -15.44 -21.82 6.68
C LEU A 396 -16.49 -22.90 6.93
N ASN A 397 -16.35 -23.58 8.08
CA ASN A 397 -17.37 -24.54 8.50
C ASN A 397 -18.39 -23.89 9.41
N ASP A 398 -17.90 -23.22 10.44
CA ASP A 398 -18.72 -22.48 11.37
C ASP A 398 -17.90 -21.29 11.85
N THR A 399 -18.55 -20.40 12.58
CA THR A 399 -17.88 -19.24 13.10
C THR A 399 -17.24 -19.48 14.46
N GLU A 400 -16.92 -20.73 14.78
CA GLU A 400 -16.32 -21.07 16.05
C GLU A 400 -14.82 -20.86 16.00
N HIS A 401 -14.30 -20.15 17.01
CA HIS A 401 -12.90 -19.72 17.11
C HIS A 401 -12.45 -18.89 15.92
N PHE A 402 -13.36 -18.20 15.26
CA PHE A 402 -13.03 -17.41 14.08
C PHE A 402 -12.72 -15.97 14.46
N ASN A 403 -11.44 -15.61 14.34
CA ASN A 403 -10.97 -14.26 14.57
C ASN A 403 -10.07 -13.90 13.41
N GLN A 404 -10.44 -12.85 12.67
CA GLN A 404 -9.68 -12.55 11.48
C GLN A 404 -8.45 -11.70 11.72
N TRP A 405 -8.32 -11.05 12.88
CA TRP A 405 -7.16 -10.21 13.09
C TRP A 405 -6.18 -10.82 14.08
N VAL A 406 -6.25 -12.13 14.30
CA VAL A 406 -5.33 -12.82 15.19
C VAL A 406 -4.47 -13.74 14.34
N VAL A 407 -3.16 -13.58 14.44
CA VAL A 407 -2.21 -14.31 13.62
C VAL A 407 -2.04 -15.70 14.21
N PRO A 408 -2.02 -16.76 13.40
CA PRO A 408 -1.72 -18.09 13.94
C PRO A 408 -0.29 -18.21 14.41
N ARG A 409 -0.06 -19.22 15.24
CA ARG A 409 1.30 -19.57 15.68
C ARG A 409 1.86 -20.50 14.62
N TYR A 410 2.67 -19.96 13.71
CA TYR A 410 3.06 -20.72 12.53
C TYR A 410 4.06 -21.82 12.86
N ALA A 411 4.90 -21.62 13.86
CA ALA A 411 5.79 -22.68 14.32
C ALA A 411 5.22 -23.40 15.55
N GLY A 412 3.91 -23.31 15.75
CA GLY A 412 3.26 -23.99 16.84
C GLY A 412 3.48 -23.30 18.17
N ALA A 413 3.20 -24.05 19.24
CA ALA A 413 3.42 -23.60 20.61
C ALA A 413 4.90 -23.71 20.95
N LEU A 414 5.36 -22.94 21.93
CA LEU A 414 6.76 -22.97 22.34
C LEU A 414 7.72 -22.34 21.34
N ASN A 415 7.19 -21.50 20.45
CA ASN A 415 8.01 -20.81 19.48
C ASN A 415 7.35 -19.48 19.16
N LEU A 416 8.14 -18.53 18.67
CA LEU A 416 7.63 -17.21 18.33
C LEU A 416 7.68 -17.00 16.83
N ASN A 417 6.71 -16.22 16.33
CA ASN A 417 6.67 -15.93 14.91
C ASN A 417 7.76 -14.93 14.55
N THR A 418 8.54 -15.26 13.52
CA THR A 418 9.61 -14.42 13.03
C THR A 418 9.30 -13.99 11.61
N ASN A 419 10.03 -12.97 11.16
CA ASN A 419 9.96 -12.41 9.80
C ASN A 419 8.57 -11.91 9.44
N LEU A 420 7.80 -11.48 10.42
CA LEU A 420 6.45 -11.00 10.18
C LEU A 420 6.45 -9.63 9.53
N ALA A 421 5.44 -9.38 8.71
CA ALA A 421 5.25 -8.04 8.17
C ALA A 421 4.80 -7.10 9.28
N PRO A 422 5.21 -5.84 9.25
CA PRO A 422 4.94 -4.96 10.39
C PRO A 422 3.49 -4.57 10.50
N SER A 423 3.09 -4.28 11.74
CA SER A 423 1.74 -3.84 12.02
C SER A 423 1.49 -2.44 11.47
N VAL A 424 0.25 -2.21 11.04
CA VAL A 424 -0.14 -0.91 10.50
C VAL A 424 -1.20 -0.31 11.41
N ALA A 425 -1.30 1.01 11.35
CA ALA A 425 -2.18 1.79 12.22
C ALA A 425 -2.29 3.19 11.64
N PRO A 426 -3.37 3.90 11.94
CA PRO A 426 -3.41 5.34 11.69
C PRO A 426 -2.81 6.13 12.84
N VAL A 427 -2.16 7.23 12.47
CA VAL A 427 -1.51 8.09 13.46
C VAL A 427 -2.13 9.49 13.53
N PHE A 428 -2.86 9.92 12.53
CA PHE A 428 -3.42 11.25 12.51
C PHE A 428 -4.68 11.27 13.38
N PRO A 429 -4.90 12.33 14.16
CA PRO A 429 -6.03 12.34 15.11
C PRO A 429 -7.37 12.45 14.42
N GLY A 430 -8.17 11.40 14.53
CA GLY A 430 -9.51 11.39 13.99
C GLY A 430 -9.69 10.59 12.71
N GLU A 431 -8.79 9.68 12.40
CA GLU A 431 -8.83 8.89 11.19
C GLU A 431 -8.92 7.40 11.54
N ARG A 432 -9.40 6.62 10.59
CA ARG A 432 -9.52 5.19 10.79
C ARG A 432 -9.13 4.44 9.52
N LEU A 433 -9.00 3.12 9.65
CA LEU A 433 -8.61 2.28 8.53
C LEU A 433 -9.78 2.02 7.60
N LEU A 434 -9.47 1.84 6.32
CA LEU A 434 -10.46 1.52 5.30
C LEU A 434 -10.17 0.12 4.79
N PHE A 435 -11.22 -0.69 4.63
CA PHE A 435 -11.07 -2.07 4.23
C PHE A 435 -11.89 -2.37 2.99
N PHE A 436 -11.49 -3.42 2.29
CA PHE A 436 -12.27 -4.03 1.22
C PHE A 436 -12.84 -5.33 1.77
N ARG A 437 -14.16 -5.44 1.82
CA ARG A 437 -14.84 -6.52 2.51
C ARG A 437 -15.53 -7.47 1.53
N SER A 438 -15.29 -8.77 1.72
CA SER A 438 -16.04 -9.84 1.08
C SER A 438 -16.78 -10.66 2.13
N TYR A 439 -17.74 -11.46 1.68
CA TYR A 439 -18.49 -12.38 2.53
C TYR A 439 -18.26 -13.80 2.06
N LEU A 440 -18.05 -14.72 3.00
CA LEU A 440 -17.63 -16.10 2.81
C LEU A 440 -18.77 -17.09 2.95
N PRO A 441 -18.67 -18.21 2.25
CA PRO A 441 -19.59 -19.32 2.49
C PRO A 441 -19.30 -20.05 3.80
N LEU A 442 -20.36 -20.59 4.40
CA LEU A 442 -20.27 -21.47 5.54
C LEU A 442 -20.84 -22.83 5.20
N LYS A 443 -20.26 -23.87 5.81
CA LYS A 443 -20.76 -25.21 5.55
C LYS A 443 -22.02 -25.50 6.37
N GLY A 444 -22.03 -25.05 7.62
CA GLY A 444 -23.18 -25.27 8.49
C GLY A 444 -23.27 -24.28 9.63
N GLY A 445 -24.46 -24.17 10.23
CA GLY A 445 -24.64 -23.27 11.35
C GLY A 445 -25.30 -21.98 10.94
N TYR A 446 -25.08 -20.95 11.75
CA TYR A 446 -25.65 -19.63 11.51
C TYR A 446 -24.56 -18.61 11.50
N GLY A 447 -24.77 -17.52 10.78
CA GLY A 447 -23.80 -16.46 10.70
C GLY A 447 -23.64 -15.82 9.34
N ASN A 448 -22.83 -14.77 9.31
CA ASN A 448 -22.49 -14.03 8.10
C ASN A 448 -21.05 -13.58 8.28
N PRO A 449 -20.07 -14.46 7.96
CA PRO A 449 -18.69 -14.06 8.22
C PRO A 449 -18.12 -13.23 7.07
N ALA A 450 -17.06 -12.49 7.39
CA ALA A 450 -16.50 -11.55 6.45
C ALA A 450 -15.00 -11.47 6.62
N ILE A 451 -14.28 -11.46 5.51
CA ILE A 451 -12.86 -11.15 5.48
C ILE A 451 -12.70 -9.74 4.92
N ASP A 452 -11.96 -8.92 5.66
CA ASP A 452 -11.51 -7.61 5.24
C ASP A 452 -10.09 -7.72 4.71
N CYS A 453 -9.75 -6.93 3.71
CA CYS A 453 -8.38 -6.85 3.27
C CYS A 453 -7.97 -5.40 3.11
N LEU A 454 -6.67 -5.19 3.06
CA LEU A 454 -6.08 -3.86 2.94
C LEU A 454 -5.96 -3.40 1.50
N LEU A 455 -5.60 -4.30 0.60
CA LEU A 455 -5.37 -4.06 -0.82
C LEU A 455 -6.12 -5.08 -1.65
N PRO A 456 -6.63 -4.68 -2.81
CA PRO A 456 -7.07 -5.67 -3.78
C PRO A 456 -5.87 -6.39 -4.37
N GLN A 457 -6.09 -7.63 -4.84
CA GLN A 457 -5.00 -8.44 -5.36
C GLN A 457 -4.43 -7.86 -6.65
N GLU A 458 -5.27 -7.21 -7.44
CA GLU A 458 -4.83 -6.54 -8.65
C GLU A 458 -3.91 -5.36 -8.38
N TRP A 459 -4.09 -4.67 -7.26
CA TRP A 459 -3.15 -3.60 -6.95
C TRP A 459 -1.81 -4.16 -6.49
N VAL A 460 -1.81 -5.29 -5.77
CA VAL A 460 -0.58 -6.01 -5.44
C VAL A 460 0.18 -6.38 -6.70
N GLN A 461 -0.54 -6.91 -7.69
CA GLN A 461 0.07 -7.31 -8.96
C GLN A 461 0.61 -6.11 -9.72
N HIS A 462 -0.14 -5.00 -9.76
CA HIS A 462 0.30 -3.81 -10.46
C HIS A 462 1.51 -3.17 -9.79
N PHE A 463 1.54 -3.16 -8.46
CA PHE A 463 2.68 -2.60 -7.74
C PHE A 463 3.92 -3.46 -7.92
N TYR A 464 3.74 -4.78 -8.04
CA TYR A 464 4.88 -5.65 -8.31
C TYR A 464 5.42 -5.44 -9.73
N GLN A 465 4.53 -5.37 -10.72
CA GLN A 465 4.97 -5.23 -12.10
C GLN A 465 5.61 -3.88 -12.38
N GLU A 466 5.12 -2.81 -11.76
CA GLU A 466 5.65 -1.49 -12.08
C GLU A 466 6.94 -1.20 -11.32
N ALA A 467 6.90 -1.31 -9.99
CA ALA A 467 8.07 -1.03 -9.13
C ALA A 467 8.66 0.40 -9.21
N ALA A 468 7.78 1.40 -9.11
CA ALA A 468 8.12 2.81 -9.21
C ALA A 468 8.58 3.31 -7.85
N PRO A 469 9.48 4.30 -7.81
CA PRO A 469 9.92 4.84 -6.53
C PRO A 469 8.85 5.70 -5.89
N SER A 470 8.84 5.72 -4.56
CA SER A 470 7.87 6.49 -3.81
C SER A 470 8.45 7.85 -3.45
N MET A 471 7.73 8.91 -3.81
CA MET A 471 8.24 10.25 -3.64
C MET A 471 8.07 10.78 -2.23
N SER A 472 7.17 10.20 -1.46
CA SER A 472 6.90 10.66 -0.12
C SER A 472 6.42 9.46 0.70
N GLU A 473 5.81 9.75 1.84
CA GLU A 473 5.30 8.71 2.73
C GLU A 473 3.83 8.41 2.48
N VAL A 474 3.08 9.38 1.95
CA VAL A 474 1.64 9.26 1.77
C VAL A 474 1.29 9.78 0.39
N ALA A 475 0.47 9.02 -0.35
CA ALA A 475 -0.13 9.46 -1.59
C ALA A 475 -1.62 9.73 -1.39
N LEU A 476 -2.05 10.92 -1.78
CA LEU A 476 -3.46 11.30 -1.77
C LEU A 476 -4.19 10.71 -2.96
N VAL A 477 -5.33 10.08 -2.72
CA VAL A 477 -6.21 9.57 -3.77
C VAL A 477 -7.61 10.10 -3.54
N ARG A 478 -8.41 10.06 -4.61
CA ARG A 478 -9.82 10.42 -4.55
C ARG A 478 -10.62 9.38 -5.30
N TYR A 479 -11.91 9.28 -4.98
CA TYR A 479 -12.79 8.27 -5.55
C TYR A 479 -13.75 8.98 -6.49
N ILE A 480 -13.55 8.82 -7.80
CA ILE A 480 -14.15 9.70 -8.79
C ILE A 480 -15.41 9.05 -9.35
N ASN A 481 -16.48 9.83 -9.47
CA ASN A 481 -17.67 9.42 -10.20
C ASN A 481 -17.49 9.85 -11.64
N PRO A 482 -17.29 8.92 -12.59
CA PRO A 482 -16.82 9.31 -13.92
C PRO A 482 -17.87 9.93 -14.83
N ASP A 483 -19.14 9.95 -14.44
CA ASP A 483 -20.13 10.57 -15.31
C ASP A 483 -20.17 12.09 -15.10
N THR A 484 -19.91 12.53 -13.88
CA THR A 484 -19.88 13.95 -13.56
C THR A 484 -18.46 14.49 -13.46
N GLY A 485 -17.57 13.78 -12.81
CA GLY A 485 -16.24 14.26 -12.51
C GLY A 485 -16.05 14.68 -11.09
N ARG A 486 -17.13 14.78 -10.32
CA ARG A 486 -17.09 15.06 -8.90
C ARG A 486 -16.44 13.89 -8.15
N ALA A 487 -15.59 14.23 -7.19
CA ALA A 487 -15.01 13.26 -6.28
C ALA A 487 -16.00 12.99 -5.16
N LEU A 488 -15.94 11.79 -4.59
CA LEU A 488 -16.89 11.42 -3.57
C LEU A 488 -16.28 11.51 -2.19
N PHE A 489 -15.09 10.95 -2.03
CA PHE A 489 -14.31 11.12 -0.81
C PHE A 489 -12.85 11.05 -1.19
N GLU A 490 -12.00 11.39 -0.24
CA GLU A 490 -10.57 11.37 -0.43
C GLU A 490 -9.94 10.53 0.68
N ALA A 491 -8.81 9.91 0.37
CA ALA A 491 -8.17 9.01 1.32
C ALA A 491 -6.67 9.21 1.25
N LYS A 492 -5.98 8.58 2.20
CA LYS A 492 -4.54 8.50 2.20
C LYS A 492 -4.12 7.08 1.85
N LEU A 493 -3.09 6.95 1.02
CA LEU A 493 -2.51 5.66 0.70
C LEU A 493 -1.05 5.68 1.13
N HIS A 494 -0.71 4.83 2.10
CA HIS A 494 0.59 4.85 2.74
C HIS A 494 1.58 3.97 2.00
N ARG A 495 2.87 4.19 2.26
CA ARG A 495 3.93 3.40 1.63
C ARG A 495 3.82 1.93 1.98
N ALA A 496 3.43 1.61 3.20
CA ALA A 496 3.34 0.23 3.63
C ALA A 496 2.15 -0.51 3.04
N GLY A 497 1.24 0.19 2.37
CA GLY A 497 0.14 -0.49 1.71
C GLY A 497 -1.15 -0.59 2.49
N PHE A 498 -1.74 0.53 2.90
CA PHE A 498 -3.03 0.54 3.56
C PHE A 498 -3.63 1.92 3.43
N MET A 499 -4.94 2.01 3.63
CA MET A 499 -5.68 3.24 3.40
C MET A 499 -6.37 3.70 4.67
N THR A 500 -6.39 5.00 4.90
CA THR A 500 -7.08 5.60 6.03
C THR A 500 -8.01 6.68 5.54
N VAL A 501 -9.19 6.76 6.14
CA VAL A 501 -10.13 7.83 5.86
C VAL A 501 -10.38 8.61 7.14
N SER A 502 -11.13 9.70 7.03
CA SER A 502 -11.45 10.59 8.14
C SER A 502 -12.93 10.42 8.43
N SER A 503 -13.25 9.49 9.34
CA SER A 503 -14.63 9.12 9.57
C SER A 503 -14.87 8.89 11.06
N ASN A 504 -16.13 8.95 11.45
CA ASN A 504 -16.56 8.70 12.82
C ASN A 504 -17.43 7.47 12.95
N THR A 505 -17.80 6.82 11.86
CA THR A 505 -18.68 5.67 11.90
C THR A 505 -18.00 4.45 11.29
N SER A 506 -18.45 3.28 11.71
CA SER A 506 -18.08 2.02 11.09
C SER A 506 -19.30 1.55 10.31
N ALA A 507 -19.26 1.71 9.00
CA ALA A 507 -20.44 1.53 8.16
C ALA A 507 -19.99 1.21 6.75
N PRO A 508 -20.85 0.58 5.95
CA PRO A 508 -20.52 0.38 4.54
C PRO A 508 -20.49 1.69 3.77
N VAL A 509 -19.65 1.74 2.75
CA VAL A 509 -19.46 2.93 1.95
C VAL A 509 -20.32 2.80 0.70
N VAL A 510 -21.26 3.72 0.53
CA VAL A 510 -22.23 3.66 -0.56
C VAL A 510 -21.66 4.43 -1.74
N VAL A 511 -21.35 3.70 -2.82
CA VAL A 511 -20.70 4.28 -4.00
C VAL A 511 -21.51 3.88 -5.23
N PRO A 512 -21.33 4.58 -6.34
CA PRO A 512 -21.86 4.08 -7.62
C PRO A 512 -21.02 2.92 -8.15
N ALA A 513 -21.53 2.32 -9.22
CA ALA A 513 -21.00 1.05 -9.70
C ALA A 513 -19.77 1.21 -10.58
N ASN A 514 -19.56 2.40 -11.15
CA ASN A 514 -18.44 2.62 -12.07
C ASN A 514 -17.37 3.54 -11.52
N GLY A 515 -17.32 3.73 -10.21
CA GLY A 515 -16.31 4.59 -9.64
C GLY A 515 -14.94 3.93 -9.57
N TYR A 516 -13.92 4.76 -9.43
CA TYR A 516 -12.54 4.28 -9.34
C TYR A 516 -11.71 5.27 -8.54
N PHE A 517 -10.56 4.80 -8.07
CA PHE A 517 -9.58 5.64 -7.41
C PHE A 517 -8.63 6.28 -8.42
N ARG A 518 -8.21 7.51 -8.11
CA ARG A 518 -7.33 8.28 -8.97
C ARG A 518 -6.21 8.88 -8.13
N PHE A 519 -4.97 8.67 -8.55
CA PHE A 519 -3.83 9.25 -7.87
C PHE A 519 -3.68 10.71 -8.22
N ASP A 520 -3.68 11.57 -7.19
CA ASP A 520 -3.62 13.01 -7.40
C ASP A 520 -2.28 13.62 -7.01
N SER A 521 -1.79 13.36 -5.80
CA SER A 521 -0.57 14.04 -5.35
C SER A 521 0.14 13.21 -4.29
N TRP A 522 1.40 13.54 -4.07
CA TRP A 522 2.12 13.05 -2.90
C TRP A 522 2.01 14.11 -1.82
N VAL A 523 1.61 13.71 -0.62
CA VAL A 523 1.45 14.64 0.49
C VAL A 523 2.32 14.16 1.64
N ASN A 524 2.33 14.92 2.72
CA ASN A 524 3.08 14.55 3.91
C ASN A 524 2.15 14.24 5.08
N GLN A 525 2.73 14.07 6.27
CA GLN A 525 1.96 13.62 7.42
C GLN A 525 1.05 14.70 7.97
N PHE A 526 1.35 15.97 7.70
CA PHE A 526 0.53 17.05 8.23
C PHE A 526 -0.70 17.34 7.40
N TYR A 527 -0.92 16.61 6.32
CA TYR A 527 -2.04 16.91 5.43
C TYR A 527 -3.35 16.51 6.11
N SER A 528 -4.33 17.40 6.03
CA SER A 528 -5.59 17.24 6.76
C SER A 528 -6.69 16.91 5.75
N LEU A 529 -7.17 15.68 5.78
CA LEU A 529 -8.21 15.24 4.85
C LEU A 529 -9.54 15.92 5.16
N ALA A 530 -10.37 16.05 4.13
CA ALA A 530 -11.72 16.53 4.34
C ALA A 530 -12.55 15.42 5.00
N PRO A 531 -13.53 15.79 5.83
CA PRO A 531 -14.34 14.76 6.49
C PRO A 531 -15.17 13.96 5.51
N MET A 532 -15.25 12.65 5.77
CA MET A 532 -15.85 11.74 4.81
C MET A 532 -17.37 11.84 4.82
N GLY A 533 -17.95 12.00 6.00
CA GLY A 533 -19.39 12.15 6.11
C GLY A 533 -19.89 13.52 5.69
ZN ZN B . -8.87 -42.67 9.66
#